data_1T8T
#
_entry.id   1T8T
#
_cell.length_a   80.338
_cell.length_b   155.394
_cell.length_c   93.323
_cell.angle_alpha   90.00
_cell.angle_beta   90.00
_cell.angle_gamma   90.00
#
_symmetry.space_group_name_H-M   'C 2 2 21'
#
loop_
_entity.id
_entity.type
_entity.pdbx_description
1 polymer 'heparan sulfate D-glucosaminyl 3-O-sulfotransferase 3A1'
2 non-polymer "ADENOSINE-3'-5'-DIPHOSPHATE"
3 non-polymer 'CITRIC ACID'
4 water water
#
_entity_poly.entity_id   1
_entity_poly.type   'polypeptide(L)'
_entity_poly.pdbx_seq_one_letter_code
;PNSGTLALLLDEGSKQLPQAIIIGVKKGGTRALLEFLRVHPDVRAVGAEPHFFDRSYDKGLAWYRDLMPRTLDGQITMEK
TPSYFVTREAPARISAMSKDTKLIVVVRDPVTRAISDYTQTLSKRPDIPTFESLTFKNRTAGLIDTSWSAIQIGIYAKHL
EHWLRHFPIRQMLFVSGERLISDPAGELGRVQDFLGLKRIITDKHFYFNKTKGFPCLKKAEGSSRPHCLGKTKGRTHPEI
DREVVRRLREFYRPFNLKFYQMTGHDFGWDG
;
_entity_poly.pdbx_strand_id   A,B
#
# COMPACT_ATOMS: atom_id res chain seq x y z
N PRO A 1 -0.46 12.61 -10.45
CA PRO A 1 -1.21 13.26 -9.35
C PRO A 1 -2.14 14.34 -9.93
N ASN A 2 -3.29 14.54 -9.29
CA ASN A 2 -4.24 15.54 -9.76
C ASN A 2 -4.11 16.86 -9.00
N SER A 3 -4.74 17.90 -9.53
CA SER A 3 -4.72 19.23 -8.95
C SER A 3 -4.92 19.26 -7.44
N GLY A 4 -6.12 18.87 -7.01
CA GLY A 4 -6.45 18.86 -5.60
C GLY A 4 -5.39 18.23 -4.74
N THR A 5 -4.94 17.05 -5.13
CA THR A 5 -3.92 16.32 -4.39
C THR A 5 -2.63 17.13 -4.30
N LEU A 6 -2.08 17.52 -5.45
CA LEU A 6 -0.85 18.30 -5.50
C LEU A 6 -0.92 19.56 -4.65
N ALA A 7 -2.08 20.21 -4.63
CA ALA A 7 -2.25 21.42 -3.84
C ALA A 7 -2.08 21.08 -2.36
N LEU A 8 -2.67 19.98 -1.94
CA LEU A 8 -2.61 19.53 -0.55
C LEU A 8 -1.18 19.39 -0.05
N LEU A 9 -0.32 18.81 -0.88
CA LEU A 9 1.10 18.62 -0.52
C LEU A 9 1.85 19.94 -0.44
N LEU A 10 1.52 20.87 -1.34
CA LEU A 10 2.19 22.17 -1.34
C LEU A 10 1.81 22.97 -0.10
N ASP A 11 0.55 22.90 0.29
CA ASP A 11 0.05 23.63 1.44
C ASP A 11 0.33 22.99 2.79
N GLU A 12 0.01 21.71 2.91
CA GLU A 12 0.21 21.00 4.18
C GLU A 12 1.47 20.14 4.24
N GLY A 13 2.22 20.09 3.14
CA GLY A 13 3.44 19.30 3.12
C GLY A 13 4.66 20.11 3.51
N SER A 14 5.70 19.44 4.01
CA SER A 14 6.92 20.10 4.42
C SER A 14 8.07 19.11 4.58
N LYS A 15 9.28 19.53 4.20
CA LYS A 15 10.46 18.69 4.29
C LYS A 15 11.00 18.67 5.72
N GLN A 16 11.31 17.48 6.22
CA GLN A 16 11.84 17.32 7.57
C GLN A 16 13.16 16.56 7.56
N LEU A 17 13.92 16.73 8.64
CA LEU A 17 15.19 16.02 8.78
C LEU A 17 14.78 14.61 9.21
N PRO A 18 15.54 13.59 8.82
CA PRO A 18 15.19 12.22 9.20
C PRO A 18 15.07 11.97 10.70
N GLN A 19 13.96 11.39 11.13
CA GLN A 19 13.79 11.10 12.55
C GLN A 19 14.37 9.72 12.84
N ALA A 20 14.52 8.92 11.79
CA ALA A 20 15.08 7.57 11.91
C ALA A 20 15.95 7.32 10.71
N ILE A 21 17.09 6.66 10.93
CA ILE A 21 18.02 6.37 9.85
C ILE A 21 18.53 4.94 9.89
N ILE A 22 18.57 4.30 8.72
CA ILE A 22 19.11 2.95 8.62
C ILE A 22 20.59 3.20 8.40
N ILE A 23 21.39 3.02 9.46
CA ILE A 23 22.83 3.30 9.39
C ILE A 23 23.78 2.17 8.99
N GLY A 24 23.23 0.97 8.75
CA GLY A 24 24.06 -0.16 8.38
C GLY A 24 23.31 -1.48 8.45
N VAL A 25 23.98 -2.60 8.18
CA VAL A 25 25.40 -2.62 7.81
C VAL A 25 25.47 -2.96 6.32
N LYS A 26 26.62 -2.68 5.70
CA LYS A 26 26.80 -2.98 4.27
C LYS A 26 26.53 -4.45 3.98
N LYS A 27 25.63 -4.72 3.04
CA LYS A 27 25.25 -6.07 2.63
C LYS A 27 24.40 -6.79 3.68
N GLY A 28 23.92 -6.06 4.69
CA GLY A 28 23.11 -6.70 5.72
C GLY A 28 21.70 -7.03 5.26
N GLY A 29 21.23 -6.26 4.27
CA GLY A 29 19.88 -6.40 3.73
C GLY A 29 19.16 -5.07 3.86
N THR A 30 19.89 -3.97 3.73
CA THR A 30 19.32 -2.64 3.89
C THR A 30 18.32 -2.21 2.80
N ARG A 31 18.60 -2.57 1.55
CA ARG A 31 17.69 -2.21 0.46
C ARG A 31 16.35 -2.90 0.70
N ALA A 32 16.39 -4.18 0.99
CA ALA A 32 15.17 -4.94 1.26
C ALA A 32 14.40 -4.29 2.41
N LEU A 33 15.08 -3.97 3.51
CA LEU A 33 14.37 -3.35 4.63
C LEU A 33 13.65 -2.06 4.24
N LEU A 34 14.36 -1.17 3.58
CA LEU A 34 13.76 0.11 3.22
C LEU A 34 12.60 -0.05 2.22
N GLU A 35 12.78 -0.92 1.22
CA GLU A 35 11.73 -1.12 0.24
C GLU A 35 10.46 -1.67 0.89
N PHE A 36 10.63 -2.53 1.89
CA PHE A 36 9.47 -3.09 2.59
C PHE A 36 8.81 -2.03 3.47
N LEU A 37 9.64 -1.28 4.19
CA LEU A 37 9.15 -0.25 5.10
C LEU A 37 8.37 0.85 4.35
N ARG A 38 8.81 1.17 3.13
CA ARG A 38 8.12 2.17 2.31
C ARG A 38 6.67 1.87 1.99
N VAL A 39 6.26 0.63 2.17
CA VAL A 39 4.87 0.27 1.92
C VAL A 39 3.96 0.98 2.93
N HIS A 40 4.48 1.21 4.13
CA HIS A 40 3.71 1.85 5.19
C HIS A 40 3.26 3.26 4.76
N PRO A 41 1.99 3.61 5.04
CA PRO A 41 1.48 4.93 4.66
C PRO A 41 2.13 6.09 5.43
N ASP A 42 2.69 5.78 6.60
CA ASP A 42 3.33 6.81 7.43
C ASP A 42 4.84 6.87 7.24
N VAL A 43 5.35 6.27 6.17
CA VAL A 43 6.77 6.29 5.89
C VAL A 43 7.10 6.89 4.54
N ARG A 44 8.04 7.83 4.53
CA ARG A 44 8.49 8.46 3.30
C ARG A 44 10.01 8.45 3.40
N ALA A 45 10.66 7.92 2.37
CA ALA A 45 12.11 7.83 2.40
C ALA A 45 12.78 8.45 1.20
N VAL A 46 14.03 8.87 1.39
CA VAL A 46 14.82 9.42 0.32
C VAL A 46 15.15 8.24 -0.59
N GLY A 47 15.04 8.45 -1.89
CA GLY A 47 15.33 7.36 -2.82
C GLY A 47 16.78 6.93 -2.84
N ALA A 48 17.67 7.88 -3.05
CA ALA A 48 19.10 7.58 -3.10
C ALA A 48 19.72 7.49 -1.70
N GLU A 49 20.94 6.97 -1.64
CA GLU A 49 21.67 6.88 -0.37
C GLU A 49 22.37 8.23 -0.22
N PRO A 50 21.95 9.04 0.76
CA PRO A 50 22.53 10.36 1.01
C PRO A 50 24.05 10.43 1.15
N HIS A 51 24.60 9.58 2.01
CA HIS A 51 26.04 9.58 2.26
C HIS A 51 26.44 10.95 2.77
N PHE A 52 25.55 11.56 3.55
CA PHE A 52 25.77 12.88 4.11
C PHE A 52 26.74 12.85 5.29
N PHE A 53 26.40 12.07 6.31
CA PHE A 53 27.21 11.98 7.52
C PHE A 53 28.58 11.34 7.34
N ASP A 54 28.88 10.85 6.14
CA ASP A 54 30.18 10.23 5.90
C ASP A 54 30.94 10.88 4.75
N ARG A 55 30.40 10.79 3.54
CA ARG A 55 31.06 11.36 2.35
C ARG A 55 30.86 12.85 2.09
N SER A 56 29.61 13.26 1.95
CA SER A 56 29.29 14.64 1.62
C SER A 56 28.89 15.53 2.79
N TYR A 57 29.59 15.42 3.90
CA TYR A 57 29.25 16.24 5.06
C TYR A 57 29.60 17.71 4.80
N ASP A 58 30.68 17.93 4.05
CA ASP A 58 31.11 19.29 3.74
C ASP A 58 30.15 20.06 2.86
N LYS A 59 29.07 19.41 2.44
CA LYS A 59 28.09 20.08 1.59
C LYS A 59 27.05 20.83 2.43
N GLY A 60 27.20 20.76 3.75
CA GLY A 60 26.28 21.45 4.63
C GLY A 60 24.93 20.77 4.79
N LEU A 61 24.27 21.13 5.89
CA LEU A 61 22.98 20.57 6.22
C LEU A 61 21.88 20.96 5.25
N ALA A 62 22.00 22.15 4.66
CA ALA A 62 21.01 22.64 3.70
C ALA A 62 20.83 21.61 2.58
N TRP A 63 21.95 21.15 2.03
CA TRP A 63 21.96 20.17 0.96
C TRP A 63 21.19 18.91 1.37
N TYR A 64 21.44 18.45 2.60
CA TYR A 64 20.81 17.25 3.14
C TYR A 64 19.29 17.36 3.16
N ARG A 65 18.78 18.33 3.92
CA ARG A 65 17.34 18.55 4.04
C ARG A 65 16.69 18.73 2.67
N ASP A 66 17.48 19.21 1.71
CA ASP A 66 16.99 19.42 0.35
C ASP A 66 16.54 18.10 -0.26
N LEU A 67 17.32 17.05 -0.01
CA LEU A 67 17.05 15.72 -0.54
C LEU A 67 15.83 15.05 0.05
N MET A 68 15.42 15.49 1.24
CA MET A 68 14.27 14.90 1.92
C MET A 68 12.94 15.06 1.20
N PRO A 69 12.04 14.08 1.33
CA PRO A 69 10.74 14.15 0.67
C PRO A 69 9.79 15.01 1.49
N ARG A 70 8.84 15.65 0.81
CA ARG A 70 7.86 16.48 1.48
C ARG A 70 6.88 15.52 2.15
N THR A 71 6.73 15.63 3.47
CA THR A 71 5.85 14.74 4.21
C THR A 71 4.66 15.46 4.84
N LEU A 72 3.73 14.66 5.36
CA LEU A 72 2.53 15.18 6.01
C LEU A 72 2.67 14.87 7.50
N ASP A 73 2.02 15.65 8.35
CA ASP A 73 2.11 15.44 9.78
C ASP A 73 1.84 13.97 10.09
N GLY A 74 2.70 13.38 10.91
CA GLY A 74 2.53 11.99 11.28
C GLY A 74 3.44 11.06 10.51
N GLN A 75 3.83 11.47 9.31
CA GLN A 75 4.71 10.65 8.49
C GLN A 75 6.16 10.77 8.97
N ILE A 76 6.87 9.65 8.98
CA ILE A 76 8.26 9.63 9.41
C ILE A 76 9.17 9.74 8.18
N THR A 77 10.17 10.60 8.29
CA THR A 77 11.12 10.81 7.20
C THR A 77 12.35 9.92 7.47
N MET A 78 12.79 9.20 6.45
CA MET A 78 13.92 8.29 6.59
C MET A 78 14.87 8.24 5.41
N GLU A 79 16.07 7.73 5.67
CA GLU A 79 17.09 7.56 4.64
C GLU A 79 17.96 6.39 5.07
N LYS A 80 18.68 5.81 4.12
CA LYS A 80 19.57 4.71 4.44
C LYS A 80 20.92 4.92 3.78
N THR A 81 21.96 4.75 4.57
CA THR A 81 23.34 4.86 4.10
C THR A 81 24.08 3.81 4.93
N PRO A 82 24.21 2.60 4.39
CA PRO A 82 24.88 1.46 5.04
C PRO A 82 26.28 1.73 5.62
N SER A 83 27.00 2.67 5.03
CA SER A 83 28.36 2.95 5.52
C SER A 83 28.46 3.84 6.78
N TYR A 84 27.34 4.40 7.24
CA TYR A 84 27.38 5.24 8.44
C TYR A 84 27.89 4.47 9.65
N PHE A 85 27.46 3.21 9.76
CA PHE A 85 27.84 2.36 10.89
C PHE A 85 29.33 2.32 11.19
N VAL A 86 30.16 2.23 10.16
CA VAL A 86 31.58 2.15 10.36
C VAL A 86 32.30 3.50 10.19
N THR A 87 31.53 4.57 10.12
CA THR A 87 32.10 5.92 9.97
C THR A 87 32.34 6.51 11.36
N ARG A 88 33.62 6.60 11.73
CA ARG A 88 34.02 7.12 13.02
C ARG A 88 33.31 8.39 13.49
N GLU A 89 33.22 9.37 12.61
CA GLU A 89 32.58 10.65 12.94
C GLU A 89 31.07 10.68 12.91
N ALA A 90 30.46 9.65 12.33
CA ALA A 90 29.01 9.58 12.20
C ALA A 90 28.22 9.73 13.49
N PRO A 91 28.55 8.95 14.54
CA PRO A 91 27.82 9.05 15.80
C PRO A 91 27.68 10.47 16.35
N ALA A 92 28.79 11.18 16.50
CA ALA A 92 28.76 12.54 17.02
C ALA A 92 27.94 13.48 16.13
N ARG A 93 28.16 13.39 14.83
CA ARG A 93 27.46 14.25 13.86
C ARG A 93 25.95 14.06 13.86
N ILE A 94 25.50 12.81 13.85
CA ILE A 94 24.07 12.55 13.85
C ILE A 94 23.46 13.07 15.16
N SER A 95 24.18 12.87 16.26
CA SER A 95 23.70 13.32 17.56
C SER A 95 23.57 14.85 17.57
N ALA A 96 24.46 15.51 16.83
CA ALA A 96 24.45 16.97 16.74
C ALA A 96 23.18 17.43 16.05
N MET A 97 22.73 16.66 15.07
CA MET A 97 21.51 17.01 14.34
C MET A 97 20.37 16.88 15.32
N SER A 98 20.35 15.77 16.06
CA SER A 98 19.32 15.50 17.05
C SER A 98 19.73 14.29 17.87
N LYS A 99 19.79 14.45 19.19
CA LYS A 99 20.16 13.35 20.05
C LYS A 99 18.99 12.40 20.27
N ASP A 100 17.86 12.71 19.65
CA ASP A 100 16.67 11.86 19.76
C ASP A 100 16.50 10.99 18.53
N THR A 101 17.44 11.09 17.59
CA THR A 101 17.37 10.31 16.36
C THR A 101 17.34 8.81 16.66
N LYS A 102 16.46 8.08 15.99
CA LYS A 102 16.35 6.63 16.15
C LYS A 102 17.25 6.00 15.09
N LEU A 103 17.93 4.92 15.46
CA LEU A 103 18.87 4.27 14.53
C LEU A 103 18.55 2.80 14.32
N ILE A 104 18.56 2.37 13.07
CA ILE A 104 18.30 0.98 12.74
C ILE A 104 19.51 0.37 12.04
N VAL A 105 19.91 -0.81 12.48
CA VAL A 105 21.05 -1.48 11.89
C VAL A 105 20.60 -2.88 11.48
N VAL A 106 20.76 -3.20 10.20
CA VAL A 106 20.40 -4.53 9.75
C VAL A 106 21.67 -5.35 9.76
N VAL A 107 21.76 -6.31 10.68
CA VAL A 107 22.94 -7.15 10.80
C VAL A 107 22.78 -8.49 10.10
N ARG A 108 23.91 -9.10 9.78
CA ARG A 108 23.97 -10.37 9.06
C ARG A 108 25.17 -11.17 9.54
N ASP A 109 25.07 -12.49 9.47
CA ASP A 109 26.17 -13.36 9.86
C ASP A 109 27.43 -12.74 9.26
N PRO A 110 28.37 -12.30 10.11
CA PRO A 110 29.61 -11.67 9.65
C PRO A 110 30.32 -12.42 8.53
N VAL A 111 30.22 -13.74 8.53
CA VAL A 111 30.88 -14.52 7.50
C VAL A 111 30.18 -14.40 6.14
N THR A 112 28.86 -14.58 6.10
CA THR A 112 28.18 -14.46 4.81
C THR A 112 28.19 -13.00 4.36
N ARG A 113 28.22 -12.07 5.32
CA ARG A 113 28.26 -10.64 4.99
C ARG A 113 29.59 -10.33 4.29
N ALA A 114 30.66 -10.90 4.82
CA ALA A 114 32.00 -10.71 4.25
C ALA A 114 32.06 -11.25 2.82
N ILE A 115 31.55 -12.47 2.61
CA ILE A 115 31.55 -13.09 1.29
C ILE A 115 30.66 -12.30 0.33
N SER A 116 29.54 -11.80 0.84
CA SER A 116 28.63 -11.01 0.03
C SER A 116 29.33 -9.72 -0.41
N ASP A 117 30.06 -9.11 0.52
CA ASP A 117 30.81 -7.88 0.27
C ASP A 117 31.84 -8.16 -0.82
N TYR A 118 32.57 -9.26 -0.67
CA TYR A 118 33.58 -9.66 -1.65
C TYR A 118 32.92 -9.84 -3.01
N THR A 119 31.83 -10.59 -3.03
CA THR A 119 31.12 -10.87 -4.27
C THR A 119 30.73 -9.60 -5.03
N GLN A 120 30.34 -8.57 -4.29
CA GLN A 120 29.98 -7.29 -4.91
C GLN A 120 31.22 -6.64 -5.51
N THR A 121 32.33 -6.65 -4.76
CA THR A 121 33.57 -6.08 -5.25
C THR A 121 34.00 -6.82 -6.51
N LEU A 122 33.86 -8.14 -6.49
CA LEU A 122 34.21 -8.97 -7.64
C LEU A 122 33.40 -8.58 -8.88
N SER A 123 32.12 -8.29 -8.69
CA SER A 123 31.28 -7.91 -9.83
C SER A 123 31.77 -6.60 -10.45
N LYS A 124 32.40 -5.74 -9.64
CA LYS A 124 32.90 -4.47 -10.13
C LYS A 124 34.32 -4.56 -10.69
N ARG A 125 35.08 -5.57 -10.23
CA ARG A 125 36.46 -5.79 -10.69
C ARG A 125 36.69 -7.28 -10.67
N PRO A 126 36.35 -7.97 -11.78
CA PRO A 126 36.51 -9.42 -11.90
C PRO A 126 37.91 -9.98 -11.73
N ASP A 127 38.92 -9.13 -11.84
CA ASP A 127 40.29 -9.60 -11.73
C ASP A 127 40.87 -9.69 -10.32
N ILE A 128 40.08 -9.35 -9.30
CA ILE A 128 40.63 -9.43 -7.95
C ILE A 128 40.94 -10.86 -7.53
N PRO A 129 41.80 -11.03 -6.50
CA PRO A 129 42.19 -12.37 -6.02
C PRO A 129 40.99 -13.09 -5.41
N THR A 130 41.14 -14.37 -5.10
CA THR A 130 40.05 -15.14 -4.50
C THR A 130 39.79 -14.64 -3.08
N PHE A 131 38.60 -14.93 -2.58
CA PHE A 131 38.20 -14.53 -1.23
C PHE A 131 39.16 -15.13 -0.20
N GLU A 132 39.57 -16.37 -0.45
CA GLU A 132 40.48 -17.06 0.46
C GLU A 132 41.82 -16.34 0.56
N SER A 133 42.32 -15.85 -0.58
CA SER A 133 43.59 -15.14 -0.63
C SER A 133 43.57 -13.85 0.17
N LEU A 134 42.48 -13.10 0.06
CA LEU A 134 42.36 -11.83 0.76
C LEU A 134 42.08 -11.99 2.25
N THR A 135 41.50 -13.12 2.64
CA THR A 135 41.16 -13.35 4.04
C THR A 135 42.36 -13.41 4.98
N PHE A 136 43.44 -14.04 4.53
CA PHE A 136 44.63 -14.19 5.36
C PHE A 136 45.76 -13.20 5.14
N LYS A 137 46.40 -12.80 6.24
CA LYS A 137 47.54 -11.89 6.17
C LYS A 137 48.74 -12.80 6.01
N ASN A 138 48.73 -13.91 6.76
CA ASN A 138 49.80 -14.89 6.70
C ASN A 138 49.23 -16.30 6.58
N GLY A 142 47.85 -18.65 9.33
CA GLY A 142 46.51 -18.71 9.89
C GLY A 142 46.06 -17.37 10.43
N LEU A 143 46.92 -16.35 10.31
CA LEU A 143 46.58 -15.02 10.78
C LEU A 143 45.67 -14.31 9.80
N ILE A 144 44.45 -14.04 10.24
CA ILE A 144 43.45 -13.37 9.42
C ILE A 144 43.78 -11.88 9.27
N ASP A 145 43.60 -11.35 8.06
CA ASP A 145 43.87 -9.94 7.82
C ASP A 145 42.69 -9.11 8.30
N THR A 146 42.67 -8.81 9.61
CA THR A 146 41.58 -8.04 10.20
C THR A 146 41.49 -6.62 9.67
N SER A 147 42.54 -6.16 8.98
CA SER A 147 42.54 -4.82 8.44
C SER A 147 41.71 -4.74 7.16
N TRP A 148 41.39 -5.89 6.58
CA TRP A 148 40.58 -5.92 5.37
C TRP A 148 39.14 -5.51 5.73
N SER A 149 38.64 -4.48 5.06
CA SER A 149 37.30 -3.95 5.30
C SER A 149 36.23 -5.03 5.38
N ALA A 150 36.25 -5.99 4.46
CA ALA A 150 35.26 -7.06 4.44
C ALA A 150 35.17 -7.77 5.78
N ILE A 151 36.31 -7.88 6.45
CA ILE A 151 36.34 -8.54 7.75
C ILE A 151 36.03 -7.57 8.88
N GLN A 152 36.67 -6.40 8.86
CA GLN A 152 36.47 -5.39 9.90
C GLN A 152 35.02 -4.93 10.08
N ILE A 153 34.30 -4.74 8.97
CA ILE A 153 32.91 -4.30 9.03
C ILE A 153 32.07 -5.28 9.87
N GLY A 154 32.40 -6.56 9.81
CA GLY A 154 31.67 -7.57 10.55
C GLY A 154 31.85 -7.62 12.06
N ILE A 155 32.80 -6.86 12.60
CA ILE A 155 33.03 -6.87 14.06
C ILE A 155 32.05 -5.87 14.67
N TYR A 156 30.78 -6.23 14.64
CA TYR A 156 29.71 -5.38 15.12
C TYR A 156 29.90 -4.77 16.52
N ALA A 157 30.31 -5.58 17.48
CA ALA A 157 30.50 -5.09 18.85
C ALA A 157 31.43 -3.89 18.94
N LYS A 158 32.50 -3.93 18.16
CA LYS A 158 33.47 -2.85 18.15
C LYS A 158 32.83 -1.56 17.68
N HIS A 159 32.13 -1.61 16.55
CA HIS A 159 31.49 -0.41 16.03
C HIS A 159 30.38 0.06 16.97
N LEU A 160 29.63 -0.87 17.54
CA LEU A 160 28.55 -0.51 18.45
C LEU A 160 29.03 0.29 19.65
N GLU A 161 30.21 -0.03 20.17
CA GLU A 161 30.73 0.70 21.32
C GLU A 161 30.89 2.19 21.01
N HIS A 162 31.25 2.52 19.76
CA HIS A 162 31.41 3.91 19.36
C HIS A 162 30.07 4.65 19.38
N TRP A 163 29.03 4.00 18.88
CA TRP A 163 27.71 4.60 18.85
C TRP A 163 27.15 4.82 20.26
N LEU A 164 27.39 3.86 21.17
CA LEU A 164 26.88 3.97 22.53
C LEU A 164 27.51 5.11 23.33
N ARG A 165 28.50 5.78 22.75
CA ARG A 165 29.16 6.90 23.41
C ARG A 165 28.41 8.19 23.06
N HIS A 166 27.40 8.05 22.21
CA HIS A 166 26.61 9.19 21.76
C HIS A 166 25.11 8.94 21.78
N PHE A 167 24.73 7.68 21.93
CA PHE A 167 23.32 7.31 21.94
C PHE A 167 23.02 6.22 22.95
N PRO A 168 21.82 6.22 23.51
CA PRO A 168 21.42 5.21 24.49
C PRO A 168 21.06 3.99 23.63
N ILE A 169 21.27 2.79 24.15
CA ILE A 169 20.97 1.58 23.39
C ILE A 169 19.48 1.48 23.00
N ARG A 170 18.61 2.10 23.79
CA ARG A 170 17.18 2.05 23.51
C ARG A 170 16.77 2.78 22.24
N GLN A 171 17.63 3.65 21.73
CA GLN A 171 17.36 4.38 20.50
C GLN A 171 17.96 3.65 19.29
N MET A 172 18.31 2.38 19.47
CA MET A 172 18.88 1.57 18.41
C MET A 172 18.12 0.25 18.28
N LEU A 173 17.96 -0.21 17.05
CA LEU A 173 17.25 -1.46 16.78
C LEU A 173 18.13 -2.28 15.85
N PHE A 174 18.36 -3.54 16.21
CA PHE A 174 19.18 -4.42 15.40
C PHE A 174 18.27 -5.45 14.75
N VAL A 175 18.10 -5.27 13.44
CA VAL A 175 17.26 -6.14 12.64
C VAL A 175 18.03 -7.35 12.16
N SER A 176 17.38 -8.51 12.22
CA SER A 176 18.03 -9.75 11.76
C SER A 176 17.95 -9.86 10.24
N GLY A 177 19.11 -9.84 9.58
CA GLY A 177 19.14 -9.94 8.13
C GLY A 177 18.64 -11.30 7.66
N GLU A 178 18.95 -12.35 8.43
CA GLU A 178 18.51 -13.69 8.06
C GLU A 178 16.98 -13.83 8.21
N ARG A 179 16.42 -13.28 9.27
N ARG A 179 16.43 -13.26 9.27
CA ARG A 179 14.98 -13.38 9.49
CA ARG A 179 15.01 -13.36 9.49
C ARG A 179 14.22 -12.46 8.52
C ARG A 179 14.24 -12.46 8.52
N LEU A 180 14.89 -11.43 8.01
CA LEU A 180 14.26 -10.53 7.05
C LEU A 180 13.92 -11.36 5.81
N ILE A 181 14.70 -12.40 5.57
CA ILE A 181 14.48 -13.28 4.42
C ILE A 181 13.49 -14.40 4.72
N SER A 182 13.67 -15.04 5.88
CA SER A 182 12.81 -16.15 6.25
C SER A 182 11.44 -15.73 6.80
N ASP A 183 11.37 -14.55 7.41
CA ASP A 183 10.11 -14.07 7.97
C ASP A 183 10.04 -12.54 7.94
N PRO A 184 9.93 -11.96 6.74
CA PRO A 184 9.86 -10.52 6.50
C PRO A 184 8.87 -9.79 7.41
N ALA A 185 7.65 -10.30 7.46
CA ALA A 185 6.62 -9.68 8.27
C ALA A 185 7.01 -9.67 9.75
N GLY A 186 7.69 -10.73 10.19
CA GLY A 186 8.12 -10.80 11.58
C GLY A 186 9.07 -9.66 11.92
N GLU A 187 10.14 -9.51 11.14
CA GLU A 187 11.10 -8.44 11.39
C GLU A 187 10.49 -7.05 11.20
N LEU A 188 9.64 -6.91 10.19
CA LEU A 188 9.01 -5.62 9.96
C LEU A 188 8.12 -5.24 11.16
N GLY A 189 7.58 -6.24 11.83
CA GLY A 189 6.75 -5.97 12.99
C GLY A 189 7.61 -5.30 14.06
N ARG A 190 8.81 -5.83 14.28
CA ARG A 190 9.72 -5.28 15.28
C ARG A 190 10.06 -3.83 14.92
N VAL A 191 10.30 -3.60 13.63
CA VAL A 191 10.64 -2.27 13.15
C VAL A 191 9.53 -1.24 13.33
N GLN A 192 8.31 -1.63 12.95
CA GLN A 192 7.19 -0.71 13.10
C GLN A 192 7.01 -0.34 14.58
N ASP A 193 7.10 -1.34 15.46
CA ASP A 193 6.95 -1.07 16.90
C ASP A 193 8.00 -0.07 17.38
N PHE A 194 9.24 -0.28 16.96
CA PHE A 194 10.36 0.58 17.32
C PHE A 194 10.19 2.01 16.84
N LEU A 195 9.62 2.16 15.64
CA LEU A 195 9.41 3.48 15.06
C LEU A 195 8.11 4.14 15.57
N GLY A 196 7.36 3.44 16.40
CA GLY A 196 6.12 3.98 16.92
C GLY A 196 5.01 4.01 15.88
N LEU A 197 5.20 3.28 14.79
CA LEU A 197 4.21 3.21 13.72
C LEU A 197 3.23 2.08 13.98
N LYS A 198 1.99 2.22 13.51
CA LYS A 198 1.00 1.18 13.71
C LYS A 198 1.42 -0.02 12.87
N ARG A 199 1.17 -1.23 13.36
CA ARG A 199 1.56 -2.42 12.59
C ARG A 199 0.62 -2.63 11.43
N ILE A 200 1.06 -2.26 10.23
CA ILE A 200 0.27 -2.41 9.02
C ILE A 200 0.87 -3.46 8.10
N ILE A 201 2.18 -3.36 7.89
CA ILE A 201 2.87 -4.33 7.04
C ILE A 201 2.74 -5.71 7.66
N THR A 202 2.18 -6.64 6.89
CA THR A 202 1.97 -8.00 7.38
C THR A 202 2.32 -9.07 6.35
N ASP A 203 2.12 -10.34 6.73
CA ASP A 203 2.44 -11.45 5.86
C ASP A 203 1.90 -11.33 4.44
N LYS A 204 0.68 -10.82 4.30
CA LYS A 204 0.05 -10.68 2.98
C LYS A 204 0.76 -9.71 2.03
N HIS A 205 1.64 -8.88 2.58
CA HIS A 205 2.38 -7.93 1.75
C HIS A 205 3.53 -8.60 0.99
N PHE A 206 3.77 -9.87 1.28
CA PHE A 206 4.88 -10.58 0.65
C PHE A 206 4.45 -11.78 -0.19
N TYR A 207 5.29 -12.10 -1.17
CA TYR A 207 5.09 -13.24 -2.08
C TYR A 207 6.48 -13.81 -2.33
N PHE A 208 6.68 -15.07 -2.00
CA PHE A 208 7.98 -15.69 -2.20
C PHE A 208 8.25 -16.02 -3.67
N ASN A 209 9.40 -15.60 -4.18
CA ASN A 209 9.77 -15.87 -5.57
C ASN A 209 10.66 -17.11 -5.62
N LYS A 210 10.09 -18.25 -5.98
CA LYS A 210 10.85 -19.50 -6.06
C LYS A 210 12.02 -19.42 -7.03
N THR A 211 11.83 -18.76 -8.16
CA THR A 211 12.89 -18.63 -9.15
C THR A 211 14.09 -17.83 -8.61
N LYS A 212 13.82 -16.71 -7.96
CA LYS A 212 14.90 -15.86 -7.42
C LYS A 212 15.40 -16.33 -6.06
N GLY A 213 14.55 -17.03 -5.32
CA GLY A 213 14.93 -17.53 -4.01
C GLY A 213 14.74 -16.55 -2.86
N PHE A 214 14.08 -15.42 -3.11
CA PHE A 214 13.83 -14.44 -2.05
C PHE A 214 12.38 -13.97 -2.05
N PRO A 215 11.94 -13.40 -0.93
CA PRO A 215 10.55 -12.94 -0.96
C PRO A 215 10.52 -11.65 -1.76
N CYS A 216 9.36 -11.32 -2.32
CA CYS A 216 9.20 -10.08 -3.08
C CYS A 216 7.99 -9.41 -2.46
N LEU A 217 7.79 -8.14 -2.77
CA LEU A 217 6.61 -7.45 -2.28
C LEU A 217 5.48 -7.83 -3.22
N LYS A 218 4.31 -8.09 -2.68
CA LYS A 218 3.18 -8.43 -3.54
C LYS A 218 2.74 -7.17 -4.28
N LYS A 219 2.93 -6.02 -3.62
CA LYS A 219 2.58 -4.73 -4.19
C LYS A 219 3.55 -3.70 -3.60
N ALA A 220 4.38 -3.13 -4.47
CA ALA A 220 5.37 -2.13 -4.03
C ALA A 220 4.75 -0.76 -3.76
N GLU A 221 5.48 0.09 -3.06
CA GLU A 221 5.00 1.43 -2.76
C GLU A 221 4.69 2.20 -4.05
N GLY A 222 5.62 2.17 -4.99
CA GLY A 222 5.41 2.88 -6.24
C GLY A 222 4.87 2.04 -7.38
N SER A 223 3.89 1.18 -7.10
CA SER A 223 3.31 0.34 -8.14
C SER A 223 2.12 -0.49 -7.66
N SER A 224 1.29 -0.92 -8.61
CA SER A 224 0.14 -1.75 -8.30
C SER A 224 0.56 -3.19 -8.56
N ARG A 225 1.73 -3.35 -9.16
CA ARG A 225 2.27 -4.67 -9.47
C ARG A 225 3.28 -5.11 -8.42
N PRO A 226 3.61 -6.41 -8.39
CA PRO A 226 4.57 -6.94 -7.42
C PRO A 226 5.93 -6.32 -7.66
N HIS A 227 6.88 -6.64 -6.79
CA HIS A 227 8.23 -6.10 -6.95
C HIS A 227 9.28 -6.94 -6.24
N CYS A 228 10.20 -7.48 -7.03
CA CYS A 228 11.30 -8.26 -6.51
C CYS A 228 12.53 -7.37 -6.62
N LEU A 229 13.49 -7.54 -5.73
CA LEU A 229 14.70 -6.72 -5.81
C LEU A 229 15.45 -7.11 -7.07
N GLY A 230 16.29 -6.20 -7.55
CA GLY A 230 17.05 -6.45 -8.77
C GLY A 230 18.05 -7.59 -8.77
N LYS A 231 18.66 -7.80 -9.93
CA LYS A 231 19.64 -8.86 -10.13
C LYS A 231 20.88 -8.65 -9.25
N THR A 232 21.08 -7.41 -8.80
CA THR A 232 22.23 -7.06 -7.96
C THR A 232 22.00 -7.36 -6.47
N LYS A 233 20.76 -7.72 -6.14
CA LYS A 233 20.40 -8.04 -4.75
C LYS A 233 20.09 -9.53 -4.73
N GLY A 234 21.03 -10.29 -4.17
CA GLY A 234 20.89 -11.73 -4.13
C GLY A 234 21.87 -12.34 -5.12
N ARG A 235 23.09 -11.80 -5.12
CA ARG A 235 24.14 -12.30 -6.02
C ARG A 235 24.60 -13.69 -5.63
N THR A 236 25.00 -14.47 -6.64
CA THR A 236 25.50 -15.81 -6.41
C THR A 236 26.91 -15.73 -5.81
N HIS A 237 27.11 -16.34 -4.64
CA HIS A 237 28.41 -16.31 -4.00
C HIS A 237 29.34 -17.40 -4.54
N PRO A 238 30.64 -17.12 -4.55
CA PRO A 238 31.57 -18.14 -5.04
C PRO A 238 31.67 -19.20 -3.94
N GLU A 239 32.05 -20.42 -4.31
CA GLU A 239 32.19 -21.49 -3.33
C GLU A 239 33.48 -21.23 -2.52
N ILE A 240 33.34 -21.12 -1.21
CA ILE A 240 34.49 -20.84 -0.35
C ILE A 240 35.02 -22.10 0.35
N ASP A 241 36.34 -22.21 0.40
CA ASP A 241 37.00 -23.33 1.07
C ASP A 241 36.47 -23.51 2.50
N ARG A 242 36.06 -24.74 2.84
CA ARG A 242 35.52 -25.03 4.17
C ARG A 242 36.45 -24.60 5.31
N GLU A 243 37.75 -24.81 5.15
CA GLU A 243 38.70 -24.46 6.21
C GLU A 243 38.73 -22.95 6.45
N VAL A 244 38.58 -22.18 5.39
CA VAL A 244 38.58 -20.74 5.52
C VAL A 244 37.31 -20.32 6.24
N VAL A 245 36.19 -20.92 5.86
CA VAL A 245 34.91 -20.60 6.50
C VAL A 245 34.99 -20.94 7.99
N ARG A 246 35.57 -22.09 8.31
CA ARG A 246 35.69 -22.50 9.70
C ARG A 246 36.52 -21.47 10.48
N ARG A 247 37.67 -21.09 9.93
CA ARG A 247 38.53 -20.13 10.61
C ARG A 247 37.90 -18.76 10.82
N LEU A 248 37.09 -18.31 9.87
CA LEU A 248 36.43 -17.01 10.01
C LEU A 248 35.34 -17.08 11.08
N ARG A 249 34.58 -18.17 11.09
CA ARG A 249 33.52 -18.31 12.09
C ARG A 249 34.16 -18.35 13.48
N GLU A 250 35.30 -19.04 13.58
CA GLU A 250 35.99 -19.15 14.87
C GLU A 250 36.47 -17.76 15.29
N PHE A 251 36.91 -16.97 14.32
CA PHE A 251 37.38 -15.62 14.57
C PHE A 251 36.28 -14.72 15.11
N TYR A 252 35.14 -14.72 14.44
CA TYR A 252 34.04 -13.84 14.86
C TYR A 252 33.29 -14.27 16.10
N ARG A 253 33.23 -15.56 16.37
CA ARG A 253 32.46 -16.07 17.50
C ARG A 253 32.55 -15.26 18.80
N PRO A 254 33.78 -14.99 19.30
CA PRO A 254 33.91 -14.22 20.55
C PRO A 254 33.23 -12.87 20.44
N PHE A 255 33.44 -12.20 19.31
CA PHE A 255 32.85 -10.89 19.08
C PHE A 255 31.34 -10.98 18.97
N ASN A 256 30.84 -12.04 18.31
CA ASN A 256 29.41 -12.23 18.14
C ASN A 256 28.72 -12.35 19.50
N LEU A 257 29.22 -13.23 20.36
CA LEU A 257 28.63 -13.42 21.68
C LEU A 257 28.60 -12.13 22.48
N LYS A 258 29.63 -11.31 22.33
CA LYS A 258 29.66 -10.04 23.05
C LYS A 258 28.57 -9.15 22.48
N PHE A 259 28.44 -9.16 21.15
CA PHE A 259 27.42 -8.36 20.48
C PHE A 259 26.03 -8.78 20.95
N TYR A 260 25.82 -10.09 21.13
CA TYR A 260 24.51 -10.57 21.59
C TYR A 260 24.20 -10.02 22.98
N GLN A 261 25.22 -9.97 23.83
CA GLN A 261 25.04 -9.45 25.19
C GLN A 261 24.76 -7.95 25.18
N MET A 262 25.46 -7.22 24.31
CA MET A 262 25.28 -5.78 24.23
C MET A 262 23.88 -5.42 23.73
N THR A 263 23.38 -6.17 22.77
CA THR A 263 22.07 -5.90 22.19
C THR A 263 20.93 -6.65 22.86
N GLY A 264 21.28 -7.67 23.64
CA GLY A 264 20.26 -8.45 24.32
C GLY A 264 19.53 -9.38 23.35
N HIS A 265 20.20 -9.78 22.28
CA HIS A 265 19.58 -10.66 21.28
C HIS A 265 20.60 -11.59 20.66
N ASP A 266 20.27 -12.88 20.59
CA ASP A 266 21.16 -13.87 19.98
C ASP A 266 20.66 -14.01 18.54
N PHE A 267 21.49 -13.60 17.58
CA PHE A 267 21.08 -13.67 16.19
C PHE A 267 21.23 -15.05 15.56
N GLY A 268 21.77 -15.98 16.36
CA GLY A 268 21.93 -17.36 15.93
C GLY A 268 22.97 -17.68 14.86
N TRP A 269 23.97 -16.83 14.70
CA TRP A 269 25.00 -17.08 13.70
C TRP A 269 25.96 -18.17 14.15
N ASP A 270 25.91 -18.50 15.45
CA ASP A 270 26.78 -19.51 16.03
C ASP A 270 25.95 -20.62 16.67
N GLY A 271 24.63 -20.53 16.52
CA GLY A 271 23.75 -21.52 17.12
C GLY A 271 23.19 -20.98 18.43
N PRO B 1 9.50 -1.33 -13.61
CA PRO B 1 9.52 -2.76 -13.24
C PRO B 1 10.78 -3.41 -13.78
N ASN B 2 11.53 -4.10 -12.91
CA ASN B 2 12.77 -4.75 -13.35
C ASN B 2 12.52 -6.07 -14.03
N SER B 3 13.58 -6.65 -14.57
CA SER B 3 13.54 -7.93 -15.29
C SER B 3 12.95 -9.09 -14.49
N GLY B 4 13.45 -9.26 -13.27
CA GLY B 4 12.98 -10.34 -12.42
C GLY B 4 11.51 -10.27 -12.07
N THR B 5 11.03 -9.07 -11.78
CA THR B 5 9.62 -8.88 -11.44
C THR B 5 8.75 -9.24 -12.64
N LEU B 6 9.02 -8.61 -13.78
CA LEU B 6 8.26 -8.89 -15.00
C LEU B 6 8.30 -10.39 -15.26
N ALA B 7 9.47 -10.98 -15.07
CA ALA B 7 9.65 -12.41 -15.28
C ALA B 7 8.71 -13.21 -14.38
N LEU B 8 8.59 -12.79 -13.12
CA LEU B 8 7.72 -13.48 -12.17
C LEU B 8 6.28 -13.46 -12.67
N LEU B 9 5.79 -12.29 -13.04
CA LEU B 9 4.42 -12.14 -13.55
C LEU B 9 4.21 -12.96 -14.81
N LEU B 10 5.18 -12.92 -15.72
CA LEU B 10 5.09 -13.66 -16.97
C LEU B 10 4.98 -15.15 -16.70
N ASP B 11 5.77 -15.63 -15.75
CA ASP B 11 5.81 -17.05 -15.41
C ASP B 11 4.76 -17.53 -14.41
N GLU B 12 4.44 -16.72 -13.41
CA GLU B 12 3.46 -17.12 -12.40
C GLU B 12 2.16 -16.31 -12.37
N GLY B 13 2.08 -15.25 -13.18
CA GLY B 13 0.87 -14.43 -13.20
C GLY B 13 -0.11 -14.80 -14.30
N SER B 14 -1.40 -14.63 -14.03
CA SER B 14 -2.43 -14.95 -15.02
C SER B 14 -3.64 -14.00 -14.94
N LYS B 15 -4.34 -13.85 -16.06
CA LYS B 15 -5.52 -12.99 -16.12
C LYS B 15 -6.75 -13.81 -15.73
N GLN B 16 -7.42 -13.39 -14.66
CA GLN B 16 -8.61 -14.09 -14.19
C GLN B 16 -9.86 -13.26 -14.38
N LEU B 17 -11.00 -13.93 -14.58
CA LEU B 17 -12.27 -13.23 -14.69
C LEU B 17 -12.43 -12.69 -13.27
N PRO B 18 -13.11 -11.55 -13.09
CA PRO B 18 -13.28 -11.00 -11.73
C PRO B 18 -14.11 -11.85 -10.77
N GLN B 19 -13.60 -12.04 -9.56
CA GLN B 19 -14.30 -12.81 -8.54
C GLN B 19 -15.29 -11.93 -7.79
N ALA B 20 -15.13 -10.62 -7.91
CA ALA B 20 -16.02 -9.67 -7.25
C ALA B 20 -16.20 -8.46 -8.15
N ILE B 21 -17.41 -7.93 -8.16
CA ILE B 21 -17.73 -6.79 -8.98
C ILE B 21 -18.52 -5.75 -8.20
N ILE B 22 -18.18 -4.49 -8.39
CA ILE B 22 -18.94 -3.42 -7.75
C ILE B 22 -19.95 -3.11 -8.87
N ILE B 23 -21.20 -3.49 -8.65
CA ILE B 23 -22.25 -3.31 -9.64
C ILE B 23 -23.09 -2.05 -9.55
N GLY B 24 -22.96 -1.30 -8.47
CA GLY B 24 -23.75 -0.10 -8.32
C GLY B 24 -23.43 0.60 -7.01
N VAL B 25 -24.10 1.71 -6.71
CA VAL B 25 -25.08 2.33 -7.59
C VAL B 25 -24.44 3.61 -8.11
N LYS B 26 -24.98 4.19 -9.18
CA LYS B 26 -24.44 5.43 -9.73
C LYS B 26 -24.45 6.54 -8.66
N LYS B 27 -23.28 7.17 -8.45
CA LYS B 27 -23.11 8.25 -7.48
C LYS B 27 -23.14 7.79 -6.02
N GLY B 28 -23.08 6.48 -5.79
CA GLY B 28 -23.10 5.99 -4.43
C GLY B 28 -21.80 6.17 -3.68
N GLY B 29 -20.70 6.27 -4.42
CA GLY B 29 -19.37 6.41 -3.84
C GLY B 29 -18.52 5.26 -4.34
N THR B 30 -18.80 4.82 -5.57
CA THR B 30 -18.08 3.70 -6.15
C THR B 30 -16.60 3.95 -6.45
N ARG B 31 -16.25 5.14 -6.90
CA ARG B 31 -14.84 5.42 -7.19
C ARG B 31 -14.05 5.41 -5.88
N ALA B 32 -14.62 6.02 -4.85
CA ALA B 32 -13.96 6.06 -3.55
C ALA B 32 -13.72 4.66 -3.00
N LEU B 33 -14.72 3.80 -3.05
CA LEU B 33 -14.53 2.44 -2.54
C LEU B 33 -13.42 1.73 -3.29
N LEU B 34 -13.48 1.75 -4.63
CA LEU B 34 -12.48 1.05 -5.43
C LEU B 34 -11.06 1.56 -5.18
N GLU B 35 -10.89 2.87 -5.09
CA GLU B 35 -9.57 3.42 -4.85
C GLU B 35 -9.05 3.01 -3.48
N PHE B 36 -9.92 3.04 -2.47
CA PHE B 36 -9.49 2.64 -1.14
C PHE B 36 -9.15 1.15 -1.11
N LEU B 37 -9.97 0.35 -1.77
CA LEU B 37 -9.70 -1.09 -1.79
C LEU B 37 -8.37 -1.40 -2.44
N ARG B 38 -8.03 -0.67 -3.50
CA ARG B 38 -6.77 -0.90 -4.21
C ARG B 38 -5.51 -0.79 -3.35
N VAL B 39 -5.64 -0.20 -2.15
CA VAL B 39 -4.49 -0.09 -1.25
C VAL B 39 -4.05 -1.47 -0.78
N HIS B 40 -5.01 -2.37 -0.65
CA HIS B 40 -4.77 -3.74 -0.18
C HIS B 40 -3.85 -4.48 -1.15
N PRO B 41 -2.83 -5.19 -0.61
CA PRO B 41 -1.92 -5.92 -1.49
C PRO B 41 -2.57 -7.07 -2.27
N ASP B 42 -3.72 -7.54 -1.80
CA ASP B 42 -4.40 -8.65 -2.48
C ASP B 42 -5.52 -8.23 -3.44
N VAL B 43 -5.58 -6.95 -3.78
CA VAL B 43 -6.59 -6.47 -4.70
C VAL B 43 -5.97 -5.91 -5.98
N ARG B 44 -6.49 -6.35 -7.12
CA ARG B 44 -6.04 -5.85 -8.42
C ARG B 44 -7.33 -5.54 -9.17
N ALA B 45 -7.42 -4.34 -9.73
CA ALA B 45 -8.64 -3.97 -10.43
C ALA B 45 -8.42 -3.27 -11.76
N VAL B 46 -9.42 -3.35 -12.62
CA VAL B 46 -9.38 -2.69 -13.92
C VAL B 46 -9.58 -1.22 -13.61
N GLY B 47 -8.80 -0.36 -14.27
CA GLY B 47 -8.92 1.07 -14.04
C GLY B 47 -10.21 1.66 -14.56
N ALA B 48 -10.56 1.35 -15.80
CA ALA B 48 -11.78 1.89 -16.37
C ALA B 48 -12.96 1.00 -16.04
N GLU B 49 -14.16 1.53 -16.23
CA GLU B 49 -15.38 0.76 -16.02
C GLU B 49 -15.57 0.03 -17.36
N PRO B 50 -15.44 -1.31 -17.34
CA PRO B 50 -15.58 -2.15 -18.54
C PRO B 50 -16.88 -2.03 -19.32
N HIS B 51 -18.01 -1.91 -18.62
CA HIS B 51 -19.31 -1.84 -19.28
C HIS B 51 -19.50 -3.03 -20.20
N PHE B 52 -19.08 -4.19 -19.72
CA PHE B 52 -19.17 -5.42 -20.49
C PHE B 52 -20.57 -6.03 -20.49
N PHE B 53 -21.10 -6.24 -19.29
CA PHE B 53 -22.42 -6.83 -19.13
C PHE B 53 -23.60 -5.97 -19.57
N ASP B 54 -23.34 -4.70 -19.88
CA ASP B 54 -24.41 -3.82 -20.32
C ASP B 54 -24.22 -3.33 -21.76
N ARG B 55 -23.02 -2.87 -22.10
CA ARG B 55 -22.78 -2.33 -23.43
C ARG B 55 -21.97 -3.15 -24.46
N SER B 56 -21.01 -3.94 -24.00
CA SER B 56 -20.16 -4.69 -24.94
C SER B 56 -20.19 -6.20 -24.78
N TYR B 57 -21.30 -6.72 -24.31
CA TYR B 57 -21.42 -8.16 -24.08
C TYR B 57 -21.10 -8.97 -25.33
N ASP B 58 -21.42 -8.41 -26.49
CA ASP B 58 -21.18 -9.12 -27.74
C ASP B 58 -19.72 -9.30 -28.11
N LYS B 59 -18.81 -8.74 -27.32
CA LYS B 59 -17.40 -8.88 -27.61
C LYS B 59 -16.90 -10.22 -27.03
N GLY B 60 -17.67 -10.76 -26.09
CA GLY B 60 -17.33 -12.05 -25.49
C GLY B 60 -16.51 -12.02 -24.21
N LEU B 61 -16.61 -13.10 -23.44
CA LEU B 61 -15.87 -13.22 -22.17
C LEU B 61 -14.36 -13.16 -22.38
N ALA B 62 -13.88 -13.62 -23.52
CA ALA B 62 -12.45 -13.61 -23.80
C ALA B 62 -11.95 -12.18 -23.82
N TRP B 63 -12.72 -11.30 -24.47
CA TRP B 63 -12.37 -9.90 -24.57
C TRP B 63 -12.39 -9.29 -23.15
N TYR B 64 -13.37 -9.70 -22.36
CA TYR B 64 -13.52 -9.22 -20.99
C TYR B 64 -12.32 -9.65 -20.15
N ARG B 65 -12.00 -10.94 -20.20
CA ARG B 65 -10.87 -11.48 -19.44
C ARG B 65 -9.60 -10.72 -19.80
N ASP B 66 -9.47 -10.36 -21.06
CA ASP B 66 -8.30 -9.64 -21.57
C ASP B 66 -8.10 -8.26 -20.97
N LEU B 67 -9.16 -7.63 -20.48
CA LEU B 67 -9.07 -6.31 -19.88
C LEU B 67 -8.53 -6.40 -18.46
N MET B 68 -8.63 -7.58 -17.88
CA MET B 68 -8.23 -7.80 -16.49
C MET B 68 -6.73 -7.73 -16.23
N PRO B 69 -6.37 -7.26 -15.03
CA PRO B 69 -4.95 -7.17 -14.70
C PRO B 69 -4.43 -8.58 -14.41
N ARG B 70 -3.17 -8.83 -14.74
CA ARG B 70 -2.54 -10.12 -14.50
C ARG B 70 -2.29 -10.22 -12.99
N THR B 71 -2.83 -11.26 -12.35
CA THR B 71 -2.65 -11.40 -10.90
C THR B 71 -1.86 -12.62 -10.47
N LEU B 72 -1.42 -12.57 -9.21
CA LEU B 72 -0.68 -13.66 -8.59
C LEU B 72 -1.67 -14.38 -7.71
N ASP B 73 -1.40 -15.65 -7.40
CA ASP B 73 -2.29 -16.43 -6.56
C ASP B 73 -2.54 -15.74 -5.22
N GLY B 74 -3.82 -15.63 -4.86
CA GLY B 74 -4.18 -14.99 -3.61
C GLY B 74 -4.83 -13.63 -3.85
N GLN B 75 -4.48 -12.99 -4.96
CA GLN B 75 -5.04 -11.69 -5.26
C GLN B 75 -6.41 -11.82 -5.91
N ILE B 76 -7.30 -10.89 -5.56
CA ILE B 76 -8.66 -10.85 -6.08
C ILE B 76 -8.73 -9.86 -7.22
N THR B 77 -9.37 -10.25 -8.32
CA THR B 77 -9.53 -9.40 -9.50
C THR B 77 -10.90 -8.73 -9.46
N MET B 78 -10.94 -7.40 -9.58
CA MET B 78 -12.20 -6.67 -9.52
C MET B 78 -12.38 -5.64 -10.63
N GLU B 79 -13.63 -5.23 -10.83
CA GLU B 79 -13.98 -4.18 -11.79
C GLU B 79 -15.22 -3.49 -11.24
N LYS B 80 -15.45 -2.26 -11.67
CA LYS B 80 -16.65 -1.56 -11.22
C LYS B 80 -17.33 -0.90 -12.43
N THR B 81 -18.64 -1.08 -12.51
CA THR B 81 -19.46 -0.48 -13.56
C THR B 81 -20.81 -0.25 -12.88
N PRO B 82 -20.98 0.93 -12.26
CA PRO B 82 -22.21 1.33 -11.54
C PRO B 82 -23.52 1.10 -12.28
N SER B 83 -23.49 1.18 -13.60
CA SER B 83 -24.71 0.98 -14.38
C SER B 83 -25.25 -0.46 -14.42
N TYR B 84 -24.43 -1.43 -14.04
CA TYR B 84 -24.87 -2.83 -14.04
C TYR B 84 -26.12 -3.02 -13.18
N PHE B 85 -26.13 -2.39 -12.01
CA PHE B 85 -27.23 -2.49 -11.07
C PHE B 85 -28.61 -2.34 -11.70
N VAL B 86 -28.74 -1.46 -12.68
CA VAL B 86 -30.03 -1.25 -13.33
C VAL B 86 -30.12 -1.77 -14.76
N THR B 87 -29.20 -2.65 -15.12
CA THR B 87 -29.19 -3.25 -16.47
C THR B 87 -29.95 -4.57 -16.46
N ARG B 88 -31.03 -4.62 -17.25
CA ARG B 88 -31.90 -5.79 -17.33
C ARG B 88 -31.23 -7.15 -17.46
N GLU B 89 -30.34 -7.31 -18.43
CA GLU B 89 -29.70 -8.61 -18.64
C GLU B 89 -28.45 -8.86 -17.80
N ALA B 90 -28.02 -7.87 -17.04
CA ALA B 90 -26.81 -8.00 -16.22
C ALA B 90 -26.80 -9.15 -15.23
N PRO B 91 -27.82 -9.27 -14.37
CA PRO B 91 -27.81 -10.38 -13.42
C PRO B 91 -27.63 -11.74 -14.09
N ALA B 92 -28.37 -11.98 -15.17
CA ALA B 92 -28.28 -13.27 -15.86
C ALA B 92 -26.91 -13.50 -16.48
N ARG B 93 -26.38 -12.47 -17.15
CA ARG B 93 -25.07 -12.59 -17.78
C ARG B 93 -23.94 -12.83 -16.79
N ILE B 94 -23.93 -12.12 -15.68
CA ILE B 94 -22.88 -12.33 -14.69
C ILE B 94 -22.98 -13.74 -14.13
N SER B 95 -24.20 -14.18 -13.83
CA SER B 95 -24.41 -15.52 -13.30
C SER B 95 -23.92 -16.57 -14.30
N ALA B 96 -24.09 -16.28 -15.59
CA ALA B 96 -23.67 -17.18 -16.66
C ALA B 96 -22.15 -17.30 -16.70
N MET B 97 -21.45 -16.20 -16.38
CA MET B 97 -20.00 -16.22 -16.34
C MET B 97 -19.60 -17.11 -15.15
N SER B 98 -20.24 -16.86 -14.01
CA SER B 98 -19.98 -17.65 -12.81
C SER B 98 -21.02 -17.35 -11.74
N LYS B 99 -21.70 -18.41 -11.30
CA LYS B 99 -22.73 -18.30 -10.29
C LYS B 99 -22.20 -17.90 -8.91
N ASP B 100 -20.89 -18.04 -8.71
CA ASP B 100 -20.29 -17.73 -7.42
C ASP B 100 -19.69 -16.33 -7.30
N THR B 101 -19.93 -15.50 -8.32
CA THR B 101 -19.42 -14.13 -8.33
C THR B 101 -19.97 -13.33 -7.15
N LYS B 102 -19.09 -12.60 -6.45
CA LYS B 102 -19.50 -11.75 -5.32
C LYS B 102 -19.85 -10.37 -5.86
N LEU B 103 -20.90 -9.77 -5.31
CA LEU B 103 -21.37 -8.48 -5.78
C LEU B 103 -21.38 -7.42 -4.67
N ILE B 104 -20.83 -6.24 -4.96
CA ILE B 104 -20.81 -5.16 -3.99
C ILE B 104 -21.64 -4.00 -4.54
N VAL B 105 -22.50 -3.45 -3.68
CA VAL B 105 -23.35 -2.34 -4.05
C VAL B 105 -23.12 -1.20 -3.05
N VAL B 106 -22.63 -0.06 -3.53
CA VAL B 106 -22.43 1.08 -2.64
C VAL B 106 -23.72 1.90 -2.70
N VAL B 107 -24.48 1.92 -1.61
CA VAL B 107 -25.74 2.67 -1.61
C VAL B 107 -25.61 4.01 -0.91
N ARG B 108 -26.58 4.88 -1.19
CA ARG B 108 -26.58 6.21 -0.63
C ARG B 108 -28.02 6.70 -0.54
N ASP B 109 -28.27 7.59 0.41
CA ASP B 109 -29.61 8.17 0.59
C ASP B 109 -30.14 8.47 -0.82
N PRO B 110 -31.24 7.84 -1.23
CA PRO B 110 -31.82 8.07 -2.56
C PRO B 110 -32.00 9.53 -2.94
N VAL B 111 -32.31 10.37 -1.95
CA VAL B 111 -32.50 11.80 -2.20
C VAL B 111 -31.20 12.50 -2.58
N THR B 112 -30.14 12.29 -1.81
CA THR B 112 -28.86 12.93 -2.15
C THR B 112 -28.24 12.27 -3.39
N ARG B 113 -28.52 10.98 -3.61
CA ARG B 113 -27.99 10.31 -4.80
C ARG B 113 -28.66 10.91 -6.04
N ALA B 114 -29.97 11.15 -5.96
CA ALA B 114 -30.69 11.73 -7.08
C ALA B 114 -30.15 13.11 -7.43
N ILE B 115 -29.94 13.94 -6.40
CA ILE B 115 -29.41 15.30 -6.59
C ILE B 115 -27.98 15.27 -7.12
N SER B 116 -27.21 14.28 -6.68
CA SER B 116 -25.83 14.12 -7.13
C SER B 116 -25.86 13.77 -8.61
N ASP B 117 -26.76 12.85 -8.97
CA ASP B 117 -26.91 12.41 -10.35
C ASP B 117 -27.26 13.62 -11.21
N TYR B 118 -28.25 14.38 -10.79
CA TYR B 118 -28.70 15.57 -11.50
C TYR B 118 -27.55 16.56 -11.68
N THR B 119 -26.84 16.83 -10.59
CA THR B 119 -25.72 17.77 -10.64
C THR B 119 -24.72 17.37 -11.71
N GLN B 120 -24.43 16.08 -11.80
CA GLN B 120 -23.49 15.58 -12.81
C GLN B 120 -24.01 15.81 -14.22
N THR B 121 -25.28 15.49 -14.44
CA THR B 121 -25.88 15.68 -15.76
C THR B 121 -25.90 17.16 -16.13
N LEU B 122 -26.18 18.01 -15.13
CA LEU B 122 -26.22 19.45 -15.35
C LEU B 122 -24.87 19.99 -15.82
N SER B 123 -23.79 19.44 -15.26
CA SER B 123 -22.44 19.87 -15.62
C SER B 123 -22.11 19.48 -17.06
N LYS B 124 -22.79 18.46 -17.57
CA LYS B 124 -22.55 18.01 -18.94
C LYS B 124 -23.49 18.71 -19.91
N ARG B 125 -24.75 18.87 -19.50
CA ARG B 125 -25.76 19.55 -20.30
C ARG B 125 -26.32 20.66 -19.41
N PRO B 126 -25.65 21.82 -19.41
CA PRO B 126 -26.01 23.00 -18.62
C PRO B 126 -27.36 23.65 -18.89
N ASP B 127 -27.99 23.32 -20.01
CA ASP B 127 -29.27 23.95 -20.33
C ASP B 127 -30.51 23.12 -20.05
N ILE B 128 -30.38 22.09 -19.21
CA ILE B 128 -31.53 21.26 -18.89
C ILE B 128 -32.41 21.95 -17.85
N PRO B 129 -33.65 21.47 -17.66
CA PRO B 129 -34.54 22.09 -16.68
C PRO B 129 -34.02 21.88 -15.26
N THR B 130 -34.67 22.52 -14.29
CA THR B 130 -34.26 22.40 -12.89
C THR B 130 -34.59 21.03 -12.31
N PHE B 131 -33.96 20.73 -11.17
CA PHE B 131 -34.19 19.47 -10.47
C PHE B 131 -35.66 19.37 -10.10
N GLU B 132 -36.20 20.48 -9.58
CA GLU B 132 -37.61 20.51 -9.18
C GLU B 132 -38.51 20.21 -10.37
N SER B 133 -38.15 20.71 -11.53
CA SER B 133 -38.94 20.49 -12.74
C SER B 133 -38.93 19.02 -13.18
N LEU B 134 -37.73 18.44 -13.26
CA LEU B 134 -37.59 17.04 -13.66
C LEU B 134 -38.16 16.05 -12.64
N THR B 135 -38.20 16.44 -11.37
CA THR B 135 -38.72 15.58 -10.31
C THR B 135 -40.19 15.20 -10.45
N PHE B 136 -41.02 16.16 -10.83
CA PHE B 136 -42.44 15.93 -10.94
C PHE B 136 -43.01 15.76 -12.33
N LYS B 137 -44.01 14.89 -12.40
CA LYS B 137 -44.74 14.62 -13.62
C LYS B 137 -45.86 15.66 -13.51
N ASN B 138 -46.27 15.91 -12.27
CA ASN B 138 -47.30 16.91 -11.94
C ASN B 138 -46.97 17.49 -10.56
N ARG B 139 -46.41 18.69 -10.54
CA ARG B 139 -46.01 19.34 -9.31
C ARG B 139 -47.05 19.54 -8.22
N THR B 140 -48.14 20.20 -8.55
CA THR B 140 -49.17 20.46 -7.54
C THR B 140 -49.90 19.20 -7.08
N ALA B 141 -50.07 18.22 -7.96
CA ALA B 141 -50.72 16.98 -7.52
C ALA B 141 -49.67 16.21 -6.75
N GLY B 142 -48.42 16.65 -6.87
CA GLY B 142 -47.32 16.00 -6.17
C GLY B 142 -46.93 14.67 -6.80
N LEU B 143 -47.33 14.47 -8.05
CA LEU B 143 -47.03 13.22 -8.77
C LEU B 143 -45.61 13.22 -9.31
N ILE B 144 -44.77 12.38 -8.72
CA ILE B 144 -43.38 12.25 -9.10
C ILE B 144 -43.20 11.46 -10.40
N ASP B 145 -42.20 11.82 -11.19
CA ASP B 145 -41.92 11.12 -12.44
C ASP B 145 -40.88 10.03 -12.20
N THR B 146 -41.36 8.82 -11.95
CA THR B 146 -40.49 7.69 -11.68
C THR B 146 -39.79 7.13 -12.91
N SER B 147 -40.14 7.66 -14.08
CA SER B 147 -39.49 7.19 -15.31
C SER B 147 -38.17 7.93 -15.52
N TRP B 148 -37.95 9.01 -14.77
CA TRP B 148 -36.70 9.77 -14.87
C TRP B 148 -35.60 8.97 -14.17
N SER B 149 -34.55 8.63 -14.91
CA SER B 149 -33.44 7.84 -14.38
C SER B 149 -32.97 8.24 -12.99
N ALA B 150 -32.88 9.54 -12.73
CA ALA B 150 -32.41 10.03 -11.43
C ALA B 150 -33.25 9.53 -10.26
N ILE B 151 -34.56 9.42 -10.47
CA ILE B 151 -35.44 8.93 -9.41
C ILE B 151 -35.40 7.41 -9.40
N GLN B 152 -35.54 6.84 -10.59
CA GLN B 152 -35.55 5.39 -10.79
C GLN B 152 -34.40 4.60 -10.17
N ILE B 153 -33.17 5.06 -10.38
CA ILE B 153 -32.01 4.37 -9.84
C ILE B 153 -32.08 4.21 -8.33
N GLY B 154 -32.64 5.20 -7.65
CA GLY B 154 -32.73 5.15 -6.20
C GLY B 154 -33.72 4.20 -5.57
N ILE B 155 -34.54 3.51 -6.37
CA ILE B 155 -35.52 2.57 -5.82
C ILE B 155 -34.80 1.23 -5.69
N TYR B 156 -33.83 1.18 -4.78
CA TYR B 156 -33.00 0.00 -4.57
C TYR B 156 -33.72 -1.33 -4.40
N ALA B 157 -34.79 -1.35 -3.60
CA ALA B 157 -35.54 -2.58 -3.34
C ALA B 157 -35.98 -3.30 -4.60
N LYS B 158 -36.52 -2.56 -5.56
CA LYS B 158 -36.99 -3.18 -6.80
C LYS B 158 -35.85 -3.72 -7.64
N HIS B 159 -34.75 -2.98 -7.73
CA HIS B 159 -33.62 -3.46 -8.50
C HIS B 159 -33.03 -4.68 -7.81
N LEU B 160 -32.99 -4.66 -6.48
CA LEU B 160 -32.44 -5.79 -5.74
C LEU B 160 -33.21 -7.08 -6.02
N GLU B 161 -34.53 -6.97 -6.18
CA GLU B 161 -35.33 -8.15 -6.45
C GLU B 161 -34.88 -8.81 -7.74
N HIS B 162 -34.51 -8.00 -8.72
CA HIS B 162 -34.04 -8.47 -10.01
C HIS B 162 -32.77 -9.32 -9.81
N TRP B 163 -31.86 -8.81 -8.98
CA TRP B 163 -30.61 -9.50 -8.70
C TRP B 163 -30.80 -10.78 -7.89
N LEU B 164 -31.68 -10.73 -6.90
CA LEU B 164 -31.93 -11.90 -6.08
C LEU B 164 -32.57 -13.05 -6.88
N ARG B 165 -32.97 -12.78 -8.11
CA ARG B 165 -33.54 -13.82 -8.95
C ARG B 165 -32.42 -14.62 -9.60
N HIS B 166 -31.18 -14.17 -9.40
CA HIS B 166 -30.03 -14.84 -9.99
C HIS B 166 -28.88 -15.06 -9.01
N PHE B 167 -28.96 -14.41 -7.84
CA PHE B 167 -27.90 -14.52 -6.84
C PHE B 167 -28.45 -14.61 -5.42
N PRO B 168 -27.78 -15.38 -4.56
CA PRO B 168 -28.26 -15.47 -3.17
C PRO B 168 -27.85 -14.20 -2.43
N ILE B 169 -28.67 -13.74 -1.49
CA ILE B 169 -28.36 -12.53 -0.74
C ILE B 169 -26.99 -12.56 -0.06
N ARG B 170 -26.52 -13.76 0.30
CA ARG B 170 -25.22 -13.91 0.97
C ARG B 170 -24.03 -13.52 0.09
N GLN B 171 -24.24 -13.50 -1.22
CA GLN B 171 -23.15 -13.15 -2.14
C GLN B 171 -23.16 -11.66 -2.49
N MET B 172 -23.94 -10.88 -1.75
CA MET B 172 -24.01 -9.45 -2.00
C MET B 172 -23.67 -8.67 -0.74
N LEU B 173 -22.97 -7.56 -0.90
CA LEU B 173 -22.61 -6.71 0.22
C LEU B 173 -23.14 -5.33 -0.07
N PHE B 174 -23.75 -4.70 0.93
CA PHE B 174 -24.29 -3.36 0.74
C PHE B 174 -23.50 -2.41 1.63
N VAL B 175 -22.68 -1.60 0.97
CA VAL B 175 -21.81 -0.64 1.61
C VAL B 175 -22.50 0.70 1.80
N SER B 176 -22.34 1.29 2.98
CA SER B 176 -22.95 2.58 3.30
C SER B 176 -22.14 3.74 2.72
N GLY B 177 -22.71 4.44 1.74
CA GLY B 177 -22.01 5.56 1.16
C GLY B 177 -21.73 6.67 2.16
N GLU B 178 -22.63 6.84 3.12
CA GLU B 178 -22.47 7.88 4.14
C GLU B 178 -21.33 7.53 5.10
N ARG B 179 -21.26 6.28 5.53
CA ARG B 179 -20.21 5.89 6.46
C ARG B 179 -18.85 5.79 5.78
N LEU B 180 -18.85 5.59 4.47
CA LEU B 180 -17.61 5.50 3.73
C LEU B 180 -16.90 6.85 3.84
N ILE B 181 -17.70 7.89 4.01
CA ILE B 181 -17.21 9.26 4.14
C ILE B 181 -16.87 9.64 5.59
N SER B 182 -17.75 9.29 6.52
CA SER B 182 -17.54 9.62 7.94
C SER B 182 -16.54 8.71 8.66
N ASP B 183 -16.37 7.49 8.17
CA ASP B 183 -15.43 6.54 8.77
C ASP B 183 -15.05 5.47 7.76
N PRO B 184 -14.26 5.83 6.75
CA PRO B 184 -13.85 4.85 5.72
C PRO B 184 -13.20 3.56 6.26
N ALA B 185 -12.27 3.69 7.21
CA ALA B 185 -11.60 2.51 7.75
C ALA B 185 -12.63 1.54 8.32
N GLY B 186 -13.66 2.09 8.96
CA GLY B 186 -14.71 1.26 9.53
C GLY B 186 -15.47 0.49 8.47
N GLU B 187 -15.91 1.17 7.42
CA GLU B 187 -16.65 0.50 6.35
C GLU B 187 -15.78 -0.50 5.59
N LEU B 188 -14.53 -0.15 5.36
CA LEU B 188 -13.62 -1.05 4.65
C LEU B 188 -13.38 -2.33 5.42
N GLY B 189 -13.54 -2.29 6.73
CA GLY B 189 -13.36 -3.49 7.53
C GLY B 189 -14.34 -4.55 7.06
N ARG B 190 -15.59 -4.14 6.90
CA ARG B 190 -16.66 -5.02 6.44
C ARG B 190 -16.42 -5.54 5.03
N VAL B 191 -15.91 -4.67 4.15
CA VAL B 191 -15.65 -5.05 2.76
C VAL B 191 -14.55 -6.10 2.68
N GLN B 192 -13.46 -5.87 3.41
CA GLN B 192 -12.36 -6.83 3.42
C GLN B 192 -12.85 -8.19 3.91
N ASP B 193 -13.65 -8.21 4.98
CA ASP B 193 -14.17 -9.48 5.49
C ASP B 193 -14.97 -10.21 4.40
N PHE B 194 -15.86 -9.46 3.75
CA PHE B 194 -16.72 -10.00 2.68
C PHE B 194 -15.93 -10.63 1.53
N LEU B 195 -14.83 -9.98 1.14
CA LEU B 195 -14.00 -10.48 0.05
C LEU B 195 -13.00 -11.53 0.51
N GLY B 196 -13.04 -11.88 1.79
CA GLY B 196 -12.13 -12.88 2.32
C GLY B 196 -10.69 -12.37 2.43
N LEU B 197 -10.54 -11.06 2.55
CA LEU B 197 -9.22 -10.45 2.65
C LEU B 197 -8.89 -10.11 4.11
N LYS B 198 -7.61 -10.15 4.44
CA LYS B 198 -7.19 -9.82 5.80
C LYS B 198 -7.45 -8.32 5.98
N ARG B 199 -7.84 -7.90 7.18
CA ARG B 199 -8.10 -6.49 7.41
C ARG B 199 -6.77 -5.75 7.55
N ILE B 200 -6.31 -5.17 6.46
CA ILE B 200 -5.06 -4.42 6.43
C ILE B 200 -5.32 -2.92 6.37
N ILE B 201 -6.31 -2.51 5.58
CA ILE B 201 -6.64 -1.10 5.45
C ILE B 201 -7.12 -0.60 6.81
N THR B 202 -6.51 0.48 7.29
CA THR B 202 -6.90 1.02 8.59
C THR B 202 -6.91 2.56 8.63
N ASP B 203 -7.17 3.10 9.81
CA ASP B 203 -7.22 4.54 10.01
C ASP B 203 -6.00 5.30 9.48
N LYS B 204 -4.81 4.72 9.68
CA LYS B 204 -3.59 5.38 9.23
C LYS B 204 -3.46 5.54 7.71
N HIS B 205 -4.30 4.84 6.94
CA HIS B 205 -4.22 4.98 5.49
C HIS B 205 -4.95 6.21 4.98
N PHE B 206 -5.69 6.87 5.86
CA PHE B 206 -6.44 8.06 5.46
C PHE B 206 -5.92 9.35 6.05
N TYR B 207 -6.18 10.45 5.33
CA TYR B 207 -5.78 11.78 5.74
C TYR B 207 -6.90 12.73 5.30
N PHE B 208 -7.50 13.45 6.24
CA PHE B 208 -8.59 14.35 5.91
C PHE B 208 -8.14 15.66 5.25
N ASN B 209 -8.72 15.96 4.10
CA ASN B 209 -8.40 17.17 3.36
C ASN B 209 -9.46 18.23 3.70
N LYS B 210 -9.13 19.12 4.63
CA LYS B 210 -10.05 20.15 5.06
C LYS B 210 -10.55 21.01 3.90
N THR B 211 -9.67 21.31 2.95
CA THR B 211 -10.02 22.12 1.80
C THR B 211 -11.09 21.43 0.94
N LYS B 212 -10.96 20.12 0.73
CA LYS B 212 -11.92 19.39 -0.07
C LYS B 212 -13.14 18.97 0.75
N GLY B 213 -12.92 18.64 2.02
CA GLY B 213 -14.02 18.23 2.87
C GLY B 213 -14.24 16.72 2.93
N PHE B 214 -13.42 15.97 2.21
CA PHE B 214 -13.55 14.52 2.20
C PHE B 214 -12.22 13.89 2.58
N PRO B 215 -12.26 12.64 3.09
CA PRO B 215 -10.98 12.03 3.44
C PRO B 215 -10.22 11.68 2.14
N CYS B 216 -8.90 11.58 2.24
CA CYS B 216 -8.06 11.24 1.10
C CYS B 216 -7.16 10.10 1.55
N LEU B 217 -6.46 9.48 0.61
CA LEU B 217 -5.53 8.41 0.96
C LEU B 217 -4.18 9.04 1.31
N LYS B 218 -3.60 8.61 2.43
CA LYS B 218 -2.31 9.14 2.84
C LYS B 218 -1.30 8.68 1.81
N LYS B 219 -1.49 7.48 1.29
CA LYS B 219 -0.61 6.92 0.26
C LYS B 219 -1.50 6.10 -0.67
N ALA B 220 -1.53 6.45 -1.96
CA ALA B 220 -2.36 5.75 -2.93
C ALA B 220 -1.67 4.50 -3.48
N GLU B 221 -2.46 3.64 -4.11
CA GLU B 221 -1.89 2.44 -4.70
C GLU B 221 -0.94 2.88 -5.77
N GLY B 222 0.23 2.25 -5.82
CA GLY B 222 1.18 2.59 -6.85
C GLY B 222 1.79 3.97 -6.78
N SER B 223 1.64 4.66 -5.65
CA SER B 223 2.21 5.98 -5.49
C SER B 223 2.67 6.17 -4.06
N SER B 224 3.66 7.04 -3.84
CA SER B 224 4.17 7.28 -2.50
C SER B 224 3.52 8.50 -1.88
N ARG B 225 2.88 9.32 -2.71
CA ARG B 225 2.23 10.53 -2.25
C ARG B 225 0.74 10.31 -2.02
N PRO B 226 0.09 11.22 -1.29
CA PRO B 226 -1.34 11.08 -1.01
C PRO B 226 -2.17 11.11 -2.29
N HIS B 227 -3.48 10.99 -2.13
CA HIS B 227 -4.37 11.02 -3.27
C HIS B 227 -5.79 11.33 -2.85
N CYS B 228 -6.29 12.48 -3.30
CA CYS B 228 -7.64 12.89 -3.02
C CYS B 228 -8.37 12.67 -4.33
N LEU B 229 -9.66 12.38 -4.29
CA LEU B 229 -10.39 12.17 -5.52
C LEU B 229 -10.48 13.54 -6.20
N GLY B 230 -10.65 13.53 -7.52
CA GLY B 230 -10.72 14.76 -8.29
C GLY B 230 -11.87 15.70 -8.04
N LYS B 231 -11.87 16.81 -8.78
CA LYS B 231 -12.91 17.81 -8.66
C LYS B 231 -14.28 17.25 -9.04
N THR B 232 -14.30 16.21 -9.86
CA THR B 232 -15.53 15.59 -10.30
C THR B 232 -16.17 14.73 -9.21
N LYS B 233 -15.42 14.46 -8.16
CA LYS B 233 -15.91 13.65 -7.04
C LYS B 233 -16.08 14.53 -5.80
N GLY B 234 -17.32 14.91 -5.54
CA GLY B 234 -17.61 15.76 -4.40
C GLY B 234 -18.09 17.11 -4.90
N ARG B 235 -18.92 17.08 -5.94
CA ARG B 235 -19.46 18.30 -6.54
C ARG B 235 -20.38 19.02 -5.56
N THR B 236 -20.43 20.35 -5.63
CA THR B 236 -21.33 21.09 -4.74
C THR B 236 -22.74 20.92 -5.32
N HIS B 237 -23.70 20.59 -4.46
CA HIS B 237 -25.08 20.40 -4.89
C HIS B 237 -25.85 21.72 -4.85
N PRO B 238 -26.78 21.91 -5.79
CA PRO B 238 -27.55 23.16 -5.77
C PRO B 238 -28.55 23.06 -4.63
N GLU B 239 -29.04 24.20 -4.15
CA GLU B 239 -30.02 24.20 -3.07
C GLU B 239 -31.36 23.79 -3.68
N ILE B 240 -32.02 22.83 -3.04
CA ILE B 240 -33.30 22.35 -3.54
C ILE B 240 -34.44 22.83 -2.65
N ASP B 241 -35.58 23.10 -3.26
CA ASP B 241 -36.77 23.55 -2.55
C ASP B 241 -37.08 22.58 -1.40
N ARG B 242 -37.18 23.11 -0.18
CA ARG B 242 -37.46 22.29 0.99
C ARG B 242 -38.66 21.37 0.85
N GLU B 243 -39.70 21.86 0.19
CA GLU B 243 -40.91 21.07 0.00
C GLU B 243 -40.65 19.92 -0.96
N VAL B 244 -39.95 20.21 -2.05
CA VAL B 244 -39.64 19.17 -3.03
C VAL B 244 -38.83 18.07 -2.35
N VAL B 245 -37.94 18.46 -1.45
CA VAL B 245 -37.12 17.50 -0.74
C VAL B 245 -37.99 16.64 0.17
N ARG B 246 -38.90 17.28 0.90
CA ARG B 246 -39.78 16.53 1.80
C ARG B 246 -40.62 15.53 1.00
N ARG B 247 -41.08 15.94 -0.19
CA ARG B 247 -41.87 15.05 -1.03
C ARG B 247 -41.09 13.85 -1.53
N LEU B 248 -39.82 14.06 -1.90
CA LEU B 248 -39.00 12.94 -2.37
C LEU B 248 -38.62 12.01 -1.24
N ARG B 249 -38.38 12.56 -0.05
CA ARG B 249 -38.06 11.73 1.09
C ARG B 249 -39.27 10.90 1.41
N GLU B 250 -40.44 11.48 1.14
CA GLU B 250 -41.72 10.82 1.37
C GLU B 250 -41.89 9.68 0.38
N PHE B 251 -41.54 9.94 -0.87
CA PHE B 251 -41.65 8.95 -1.93
C PHE B 251 -40.78 7.72 -1.67
N TYR B 252 -39.53 7.95 -1.30
CA TYR B 252 -38.60 6.85 -1.07
C TYR B 252 -38.80 6.08 0.23
N ARG B 253 -39.24 6.75 1.29
CA ARG B 253 -39.44 6.10 2.59
C ARG B 253 -39.90 4.64 2.56
N PRO B 254 -41.07 4.34 1.98
CA PRO B 254 -41.50 2.94 1.97
C PRO B 254 -40.53 1.98 1.29
N PHE B 255 -39.93 2.42 0.19
CA PHE B 255 -38.97 1.58 -0.53
C PHE B 255 -37.71 1.40 0.32
N ASN B 256 -37.30 2.46 1.02
CA ASN B 256 -36.12 2.38 1.86
C ASN B 256 -36.34 1.34 2.95
N LEU B 257 -37.49 1.44 3.62
CA LEU B 257 -37.81 0.49 4.70
C LEU B 257 -37.77 -0.96 4.18
N LYS B 258 -38.28 -1.19 2.97
CA LYS B 258 -38.25 -2.53 2.42
C LYS B 258 -36.79 -2.94 2.19
N PHE B 259 -36.00 -2.01 1.69
CA PHE B 259 -34.58 -2.27 1.42
C PHE B 259 -33.84 -2.61 2.72
N TYR B 260 -34.15 -1.91 3.81
CA TYR B 260 -33.51 -2.20 5.10
C TYR B 260 -33.79 -3.63 5.53
N GLN B 261 -35.02 -4.07 5.33
CA GLN B 261 -35.39 -5.42 5.70
C GLN B 261 -34.72 -6.45 4.80
N MET B 262 -34.73 -6.21 3.50
CA MET B 262 -34.11 -7.13 2.55
C MET B 262 -32.63 -7.35 2.85
N THR B 263 -31.95 -6.28 3.25
CA THR B 263 -30.52 -6.37 3.53
C THR B 263 -30.19 -6.61 5.00
N GLY B 264 -31.18 -6.50 5.86
CA GLY B 264 -30.96 -6.71 7.29
C GLY B 264 -30.19 -5.56 7.92
N HIS B 265 -30.31 -4.36 7.36
CA HIS B 265 -29.60 -3.20 7.91
C HIS B 265 -30.29 -1.87 7.65
N ASP B 266 -30.40 -1.06 8.72
CA ASP B 266 -30.99 0.26 8.63
C ASP B 266 -29.87 1.23 8.29
N PHE B 267 -29.90 1.76 7.07
CA PHE B 267 -28.86 2.69 6.62
C PHE B 267 -29.03 4.11 7.15
N GLY B 268 -30.10 4.32 7.92
CA GLY B 268 -30.36 5.62 8.53
C GLY B 268 -30.83 6.78 7.67
N TRP B 269 -31.38 6.52 6.49
CA TRP B 269 -31.83 7.62 5.64
C TRP B 269 -33.18 8.17 6.06
N ASP B 270 -33.84 7.48 6.97
CA ASP B 270 -35.15 7.90 7.44
C ASP B 270 -35.16 8.08 8.96
N GLY B 271 -33.98 8.37 9.51
CA GLY B 271 -33.87 8.55 10.94
C GLY B 271 -33.79 7.22 11.64
#